data_5GKP
#
_entry.id   5GKP
#
_cell.length_a   56.672
_cell.length_b   72.562
_cell.length_c   127.914
_cell.angle_alpha   90.00
_cell.angle_beta   90.00
_cell.angle_gamma   90.00
#
_symmetry.space_group_name_H-M   'P 21 21 21'
#
loop_
_entity.id
_entity.type
_entity.pdbx_description
1 polymer 'Endonuclease G, mitochondrial'
2 polymer "DNA (5'-D(*TP*TP*TP*TP*T)-3')"
3 non-polymer 'MAGNESIUM ION'
4 water water
#
loop_
_entity_poly.entity_id
_entity_poly.type
_entity_poly.pdbx_seq_one_letter_code
_entity_poly.pdbx_strand_id
1 'polypeptide(L)'
;MHHHHHHGSPSRSAEIMKHGYPGFTNVRTYEDFVLSYDYKTRTAHWVCEHLTPERLKHAEGVDRKLCEAKPDITFPQKFL
SQNTDYKCSGFDRGALAAAGNHRKSQLAVDQTFYLSNMSPQVGRGFNRDKWNDLEMHCRRVAKKMINSYIITGPLYLPKL
EGDGKKYIKYQVIGDNNVAVPTHFFKVALFEVTPGKFELESYILPNAVIEDTVEISKFHVPLDAVERSAGLEIFARLDPK
SIVKENGAKKGG
;
A,B
2 'polydeoxyribonucleotide' (DT)(DT)(DT)(DT)(DT)(DT)(DG)(DT) C,D
#
loop_
_chem_comp.id
_chem_comp.type
_chem_comp.name
_chem_comp.formula
DG DNA linking 2'-DEOXYGUANOSINE-5'-MONOPHOSPHATE 'C10 H14 N5 O7 P'
DT DNA linking THYMIDINE-5'-MONOPHOSPHATE 'C10 H15 N2 O8 P'
MG non-polymer 'MAGNESIUM ION' 'Mg 2'
#
# COMPACT_ATOMS: atom_id res chain seq x y z
N SER A 11 18.51 21.02 -7.77
CA SER A 11 17.74 20.59 -6.60
C SER A 11 18.39 19.40 -5.86
N ARG A 12 18.45 19.47 -4.53
CA ARG A 12 18.95 18.35 -3.74
C ARG A 12 18.13 17.10 -4.05
N SER A 13 16.80 17.20 -3.95
CA SER A 13 15.93 16.06 -4.16
C SER A 13 16.18 15.43 -5.54
N ALA A 14 16.40 16.23 -6.58
CA ALA A 14 16.57 15.68 -7.93
C ALA A 14 17.92 15.00 -8.05
N GLU A 15 18.82 15.35 -7.16
CA GLU A 15 20.14 14.72 -7.09
C GLU A 15 20.00 13.39 -6.38
N ILE A 16 19.23 13.41 -5.30
CA ILE A 16 18.94 12.20 -4.53
C ILE A 16 18.20 11.15 -5.40
N MET A 17 17.32 11.59 -6.30
CA MET A 17 16.43 10.68 -7.04
C MET A 17 16.82 10.47 -8.49
N LYS A 18 18.03 10.86 -8.85
CA LYS A 18 18.55 10.74 -10.21
C LYS A 18 18.21 9.44 -10.94
N HIS A 19 18.28 8.31 -10.24
CA HIS A 19 18.19 7.04 -10.93
C HIS A 19 16.81 6.43 -10.88
N GLY A 20 15.84 7.21 -10.38
CA GLY A 20 14.46 6.74 -10.32
C GLY A 20 13.73 6.84 -9.00
N TYR A 21 12.42 7.02 -9.11
CA TYR A 21 11.50 6.97 -7.99
C TYR A 21 11.05 5.52 -7.84
N PRO A 22 11.19 4.94 -6.64
CA PRO A 22 10.69 3.58 -6.44
C PRO A 22 9.20 3.52 -6.65
N GLY A 23 8.53 4.61 -6.28
CA GLY A 23 7.10 4.79 -6.50
C GLY A 23 6.74 6.24 -6.15
N PHE A 24 5.47 6.64 -6.25
CA PHE A 24 5.10 8.05 -6.00
C PHE A 24 4.06 8.27 -4.95
N THR A 25 3.91 7.34 -4.01
CA THR A 25 2.88 7.49 -3.01
C THR A 25 3.38 8.43 -1.86
N ASN A 26 2.66 9.53 -1.60
CA ASN A 26 2.83 10.33 -0.38
C ASN A 26 4.29 10.58 -0.12
N VAL A 27 4.92 11.13 -1.13
CA VAL A 27 6.32 11.46 -1.11
C VAL A 27 6.55 12.73 -0.25
N ARG A 28 7.57 12.72 0.60
CA ARG A 28 8.15 13.98 1.11
C ARG A 28 9.65 14.04 0.81
N THR A 29 10.07 15.23 0.40
CA THR A 29 11.48 15.47 0.15
C THR A 29 11.90 16.23 1.38
N TYR A 30 12.78 15.64 2.17
CA TYR A 30 13.28 16.33 3.32
C TYR A 30 14.61 16.87 2.91
N GLU A 31 15.34 17.44 3.87
CA GLU A 31 16.60 18.10 3.55
C GLU A 31 17.61 17.18 2.81
N ASP A 32 17.88 16.00 3.37
CA ASP A 32 18.92 15.15 2.79
C ASP A 32 18.44 13.73 2.42
N PHE A 33 17.12 13.52 2.38
CA PHE A 33 16.59 12.29 1.80
C PHE A 33 15.13 12.41 1.40
N VAL A 34 14.67 11.43 0.61
CA VAL A 34 13.31 11.40 0.12
C VAL A 34 12.61 10.19 0.72
N LEU A 35 11.37 10.38 1.12
CA LEU A 35 10.62 9.34 1.81
C LEU A 35 9.25 9.19 1.17
N SER A 36 8.72 7.96 1.18
CA SER A 36 7.37 7.66 0.72
C SER A 36 6.66 7.00 1.87
N TYR A 37 5.54 7.56 2.26
CA TYR A 37 4.87 7.09 3.46
C TYR A 37 3.57 6.33 3.14
N ASP A 38 3.29 5.30 3.94
CA ASP A 38 2.18 4.37 3.72
C ASP A 38 1.18 4.56 4.84
N TYR A 39 0.08 5.20 4.48
CA TYR A 39 -1.02 5.44 5.39
C TYR A 39 -1.56 4.19 6.07
N LYS A 40 -1.47 3.05 5.39
CA LYS A 40 -2.03 1.80 5.90
C LYS A 40 -1.15 1.26 7.04
N THR A 41 0.13 1.10 6.78
CA THR A 41 1.07 0.56 7.78
C THR A 41 1.60 1.57 8.79
N ARG A 42 1.47 2.86 8.45
CA ARG A 42 1.95 3.93 9.31
C ARG A 42 3.49 3.90 9.47
N THR A 43 4.15 3.52 8.38
CA THR A 43 5.60 3.55 8.27
C THR A 43 5.90 3.78 6.79
N ALA A 44 7.16 4.01 6.42
CA ALA A 44 7.53 4.28 5.02
C ALA A 44 7.29 3.09 4.05
N HIS A 45 6.98 3.38 2.80
CA HIS A 45 7.13 2.45 1.69
C HIS A 45 8.61 2.30 1.37
N TRP A 46 9.35 3.41 1.47
CA TRP A 46 10.77 3.40 1.13
C TRP A 46 11.38 4.73 1.51
N VAL A 47 12.70 4.76 1.67
CA VAL A 47 13.45 6.02 1.71
C VAL A 47 14.63 5.90 0.74
N CYS A 48 14.93 7.00 0.04
CA CYS A 48 16.13 7.05 -0.80
C CYS A 48 17.14 8.08 -0.24
N GLU A 49 18.40 7.68 -0.22
CA GLU A 49 19.53 8.51 0.26
C GLU A 49 20.61 8.58 -0.81
N HIS A 50 21.24 9.75 -0.91
CA HIS A 50 22.41 9.94 -1.75
C HIS A 50 23.61 10.41 -0.92
N LEU A 51 24.70 9.67 -1.05
CA LEU A 51 25.92 9.97 -0.29
C LEU A 51 27.10 10.19 -1.24
N THR A 52 27.97 11.13 -0.84
CA THR A 52 29.30 11.31 -1.45
C THR A 52 30.36 11.35 -0.34
N PRO A 53 31.63 11.12 -0.69
CA PRO A 53 32.64 11.28 0.34
C PRO A 53 32.60 12.69 0.92
N GLU A 54 32.38 13.67 0.06
CA GLU A 54 32.26 15.06 0.48
C GLU A 54 31.20 15.21 1.55
N ARG A 55 30.01 14.66 1.30
CA ARG A 55 28.87 14.90 2.18
C ARG A 55 28.91 14.13 3.50
N LEU A 56 29.76 13.12 3.60
CA LEU A 56 29.87 12.35 4.86
C LEU A 56 30.96 12.93 5.80
N LYS A 57 30.72 14.12 6.35
CA LYS A 57 31.67 14.78 7.27
C LYS A 57 30.95 15.63 8.32
N GLY A 61 29.74 21.51 13.24
CA GLY A 61 29.27 21.05 14.54
C GLY A 61 27.78 20.69 14.60
N VAL A 62 27.49 19.43 14.93
CA VAL A 62 26.12 18.85 14.99
C VAL A 62 25.98 17.75 16.06
N ASP A 63 24.89 17.75 16.84
CA ASP A 63 24.70 16.73 17.89
C ASP A 63 23.35 16.02 17.74
N ARG A 64 23.38 14.69 17.84
CA ARG A 64 22.21 13.86 17.61
C ARG A 64 21.31 13.55 18.83
N LYS A 65 21.82 13.69 20.04
CA LYS A 65 20.98 13.45 21.21
C LYS A 65 20.26 14.74 21.63
N LEU A 66 20.45 15.79 20.84
CA LEU A 66 19.55 16.94 20.78
C LEU A 66 18.27 16.61 19.98
N CYS A 67 18.18 15.39 19.48
CA CYS A 67 17.09 15.03 18.60
C CYS A 67 16.12 14.13 19.33
N GLU A 68 14.84 14.38 19.08
CA GLU A 68 13.76 13.58 19.63
C GLU A 68 12.83 13.16 18.51
N ALA A 69 12.38 11.92 18.55
CA ALA A 69 11.45 11.43 17.55
C ALA A 69 10.09 12.10 17.70
N LYS A 70 9.58 12.62 16.58
CA LYS A 70 8.31 13.33 16.55
C LYS A 70 7.52 12.99 15.27
N PRO A 71 6.18 13.11 15.31
CA PRO A 71 5.49 12.78 14.05
C PRO A 71 5.63 13.91 13.07
N ASP A 72 5.78 13.59 11.79
CA ASP A 72 5.71 14.57 10.72
C ASP A 72 4.24 14.89 10.47
N ILE A 73 3.83 16.07 10.93
CA ILE A 73 2.41 16.45 10.91
C ILE A 73 1.97 17.06 9.59
N THR A 74 2.85 17.09 8.59
CA THR A 74 2.43 17.44 7.24
C THR A 74 1.74 16.25 6.53
N PHE A 75 1.55 15.14 7.26
CA PHE A 75 0.67 14.04 6.84
C PHE A 75 -0.53 14.11 7.74
N PRO A 76 -1.70 13.72 7.23
CA PRO A 76 -2.93 13.79 8.03
C PRO A 76 -2.84 13.02 9.33
N GLN A 77 -3.41 13.55 10.41
CA GLN A 77 -3.15 13.01 11.73
C GLN A 77 -3.69 11.60 11.90
N LYS A 78 -4.80 11.33 11.21
CA LYS A 78 -5.47 10.02 11.31
C LYS A 78 -4.56 8.88 10.80
N PHE A 79 -3.60 9.27 9.97
CA PHE A 79 -2.60 8.34 9.42
C PHE A 79 -1.23 8.41 10.11
N LEU A 80 -1.13 9.03 11.29
CA LEU A 80 0.17 9.17 11.93
C LEU A 80 0.46 8.04 12.87
N SER A 81 1.74 7.71 12.98
CA SER A 81 2.22 6.94 14.14
C SER A 81 2.51 7.92 15.25
N GLN A 82 2.61 7.41 16.47
CA GLN A 82 2.95 8.22 17.63
C GLN A 82 3.92 7.48 18.51
N ASN A 83 4.63 8.21 19.38
CA ASN A 83 5.57 7.55 20.28
C ASN A 83 4.84 6.62 21.19
N THR A 84 3.60 6.96 21.46
CA THR A 84 2.77 6.05 22.23
C THR A 84 2.51 4.71 21.51
N ASP A 85 2.66 4.65 20.18
CA ASP A 85 2.50 3.35 19.50
C ASP A 85 3.69 2.44 19.77
N TYR A 86 4.88 3.02 19.80
CA TYR A 86 6.09 2.23 20.05
C TYR A 86 6.39 1.95 21.55
N LYS A 87 5.97 2.87 22.43
CA LYS A 87 6.19 2.72 23.89
C LYS A 87 5.83 1.33 24.43
N CYS A 88 6.79 0.65 25.05
CA CYS A 88 6.59 -0.73 25.56
C CYS A 88 6.25 -1.80 24.50
N SER A 89 6.40 -1.48 23.22
CA SER A 89 6.03 -2.44 22.17
C SER A 89 6.97 -3.64 22.18
N GLY A 90 8.21 -3.40 22.62
CA GLY A 90 9.27 -4.39 22.57
C GLY A 90 10.21 -4.14 21.40
N PHE A 91 9.86 -3.13 20.61
CA PHE A 91 10.58 -2.77 19.39
C PHE A 91 11.12 -1.36 19.54
N ASP A 92 12.27 -1.13 18.91
CA ASP A 92 12.83 0.19 18.76
C ASP A 92 12.12 0.94 17.70
N ARG A 93 12.28 2.24 17.73
CA ARG A 93 11.92 3.09 16.61
C ARG A 93 13.06 3.09 15.63
N GLY A 94 13.03 2.15 14.70
CA GLY A 94 14.15 1.98 13.78
C GLY A 94 14.09 2.95 12.62
N ALA A 95 15.14 3.73 12.43
CA ALA A 95 15.18 4.78 11.42
C ALA A 95 15.66 4.18 10.12
N LEU A 96 14.87 4.31 9.04
CA LEU A 96 15.27 3.71 7.76
C LEU A 96 16.37 4.54 7.15
N ALA A 97 16.14 5.84 6.98
CA ALA A 97 17.24 6.75 6.61
C ALA A 97 18.00 7.09 7.90
N ALA A 98 19.23 6.60 7.93
CA ALA A 98 19.99 6.52 9.16
C ALA A 98 20.56 7.88 9.54
N ALA A 99 20.40 8.25 10.81
CA ALA A 99 20.95 9.50 11.31
C ALA A 99 22.43 9.67 10.92
N GLY A 100 23.24 8.64 11.12
CA GLY A 100 24.64 8.67 10.76
C GLY A 100 24.99 9.05 9.32
N ASN A 101 24.01 8.98 8.41
CA ASN A 101 24.25 9.30 7.02
C ASN A 101 24.04 10.78 6.74
N HIS A 102 23.65 11.52 7.77
CA HIS A 102 23.14 12.88 7.58
C HIS A 102 23.67 13.85 8.62
N ARG A 103 24.86 14.39 8.39
CA ARG A 103 25.57 15.16 9.42
C ARG A 103 26.16 16.48 8.90
N LYS A 104 25.59 17.00 7.81
CA LYS A 104 25.98 18.30 7.29
C LYS A 104 25.13 19.39 7.85
N SER A 105 24.27 19.06 8.81
CA SER A 105 23.35 20.03 9.38
C SER A 105 22.58 19.40 10.53
N GLN A 106 22.18 20.22 11.49
CA GLN A 106 21.37 19.75 12.59
C GLN A 106 19.94 19.44 12.13
N LEU A 107 19.47 20.17 11.11
CA LEU A 107 18.13 19.95 10.60
C LEU A 107 18.07 18.58 9.93
N ALA A 108 18.93 18.39 8.92
CA ALA A 108 19.02 17.13 8.20
C ALA A 108 19.00 15.93 9.13
N VAL A 109 19.81 15.96 10.19
CA VAL A 109 19.80 14.84 11.13
C VAL A 109 18.50 14.81 11.92
N ASP A 110 17.93 15.97 12.26
CA ASP A 110 16.69 15.99 13.05
C ASP A 110 15.52 15.35 12.28
N GLN A 111 15.51 15.51 10.97
CA GLN A 111 14.41 14.95 10.18
C GLN A 111 14.46 13.41 10.08
N THR A 112 15.66 12.84 10.16
CA THR A 112 15.78 11.39 10.24
C THR A 112 15.06 10.90 11.44
N PHE A 113 14.65 11.80 12.36
CA PHE A 113 13.92 11.36 13.57
C PHE A 113 12.40 11.47 13.44
N TYR A 114 11.91 11.94 12.32
CA TYR A 114 10.47 11.80 12.01
C TYR A 114 9.98 10.33 12.05
N LEU A 115 8.81 10.13 12.65
CA LEU A 115 8.23 8.81 12.77
C LEU A 115 7.83 8.19 11.41
N SER A 116 7.62 9.01 10.40
CA SER A 116 7.45 8.57 9.04
C SER A 116 8.66 7.76 8.59
N ASN A 117 9.81 8.11 9.14
CA ASN A 117 11.09 7.47 8.81
C ASN A 117 11.39 6.30 9.76
N MET A 118 10.48 6.01 10.68
CA MET A 118 10.67 4.92 11.63
C MET A 118 9.84 3.71 11.25
N SER A 119 10.36 2.50 11.54
CA SER A 119 9.59 1.24 11.58
C SER A 119 9.89 0.56 12.88
N PRO A 120 8.90 -0.18 13.41
CA PRO A 120 9.22 -1.02 14.55
C PRO A 120 10.29 -2.04 14.21
N GLN A 121 11.44 -1.95 14.87
CA GLN A 121 12.52 -2.91 14.64
C GLN A 121 12.94 -3.63 15.90
N VAL A 122 13.18 -4.94 15.77
CA VAL A 122 13.81 -5.66 16.82
C VAL A 122 15.10 -4.91 17.17
N GLY A 123 15.30 -4.70 18.47
CA GLY A 123 16.45 -3.95 18.96
C GLY A 123 17.72 -4.77 19.00
N ARG A 124 17.96 -5.39 20.15
CA ARG A 124 19.12 -6.23 20.36
C ARG A 124 19.12 -7.40 19.36
N GLY A 125 20.25 -7.58 18.69
CA GLY A 125 20.39 -8.65 17.71
C GLY A 125 19.87 -8.29 16.33
N PHE A 126 19.38 -7.06 16.16
CA PHE A 126 19.00 -6.59 14.82
C PHE A 126 19.35 -5.14 14.63
N ASN A 127 18.44 -4.22 14.96
CA ASN A 127 18.66 -2.80 14.78
C ASN A 127 19.94 -2.30 15.45
N ARG A 128 20.30 -2.88 16.59
CA ARG A 128 21.46 -2.39 17.34
C ARG A 128 22.73 -3.14 16.95
N ASP A 129 22.54 -4.17 16.11
CA ASP A 129 23.63 -5.05 15.69
C ASP A 129 23.70 -5.29 14.17
N LYS A 130 23.14 -6.40 13.69
CA LYS A 130 23.37 -6.78 12.30
C LYS A 130 22.86 -5.72 11.29
N TRP A 131 21.64 -5.18 11.50
CA TRP A 131 21.17 -4.09 10.64
C TRP A 131 22.10 -2.88 10.71
N ASN A 132 22.51 -2.52 11.94
CA ASN A 132 23.51 -1.46 12.11
C ASN A 132 24.83 -1.76 11.37
N ASP A 133 25.29 -2.99 11.42
CA ASP A 133 26.47 -3.39 10.64
C ASP A 133 26.22 -3.18 9.16
N LEU A 134 25.02 -3.46 8.68
CA LEU A 134 24.77 -3.24 7.26
C LEU A 134 24.89 -1.75 6.90
N GLU A 135 24.34 -0.89 7.76
CA GLU A 135 24.37 0.57 7.57
C GLU A 135 25.78 1.10 7.53
N MET A 136 26.61 0.58 8.43
CA MET A 136 28.00 1.03 8.59
C MET A 136 28.83 0.58 7.41
N HIS A 137 28.48 -0.58 6.87
CA HIS A 137 29.14 -1.09 5.69
C HIS A 137 28.85 -0.18 4.49
N CYS A 138 27.59 0.22 4.31
CA CYS A 138 27.23 1.10 3.18
C CYS A 138 27.90 2.47 3.30
N ARG A 139 27.93 3.00 4.51
CA ARG A 139 28.64 4.26 4.78
C ARG A 139 30.14 4.17 4.41
N ARG A 140 30.83 3.11 4.85
CA ARG A 140 32.28 2.97 4.62
C ARG A 140 32.61 2.76 3.15
N VAL A 141 31.76 2.02 2.46
CA VAL A 141 31.98 1.82 1.03
C VAL A 141 31.74 3.13 0.31
N ALA A 142 30.74 3.88 0.78
CA ALA A 142 30.40 5.17 0.16
C ALA A 142 31.53 6.20 0.25
N LYS A 143 32.35 6.12 1.30
CA LYS A 143 33.42 7.10 1.54
C LYS A 143 34.58 6.95 0.55
N LYS A 144 34.53 5.91 -0.26
CA LYS A 144 35.55 5.66 -1.25
C LYS A 144 34.89 5.28 -2.54
N MET A 145 33.82 6.00 -2.85
CA MET A 145 33.09 5.87 -4.09
C MET A 145 32.71 7.26 -4.61
N ILE A 146 32.44 7.38 -5.91
CA ILE A 146 32.01 8.69 -6.47
C ILE A 146 30.66 9.15 -5.89
N ASN A 147 29.60 8.41 -6.23
CA ASN A 147 28.28 8.62 -5.65
C ASN A 147 27.74 7.33 -5.07
N SER A 148 26.90 7.46 -4.04
CA SER A 148 26.21 6.31 -3.47
C SER A 148 24.73 6.57 -3.27
N TYR A 149 23.94 5.60 -3.72
CA TYR A 149 22.47 5.69 -3.63
C TYR A 149 21.90 4.51 -2.87
N ILE A 150 21.22 4.82 -1.77
CA ILE A 150 20.69 3.81 -0.88
C ILE A 150 19.18 3.90 -0.71
N ILE A 151 18.50 2.81 -1.06
CA ILE A 151 17.03 2.73 -0.92
C ILE A 151 16.74 1.71 0.14
N THR A 152 15.98 2.08 1.14
CA THR A 152 15.66 1.21 2.26
C THR A 152 14.16 1.17 2.44
N GLY A 153 13.65 -0.02 2.78
CA GLY A 153 12.24 -0.10 3.10
C GLY A 153 11.85 -1.39 3.81
N PRO A 154 10.68 -1.39 4.43
CA PRO A 154 10.14 -2.57 5.09
C PRO A 154 9.50 -3.49 4.07
N LEU A 155 9.40 -4.73 4.48
CA LEU A 155 8.72 -5.76 3.73
C LEU A 155 7.78 -6.57 4.61
N TYR A 156 6.81 -7.21 3.95
CA TYR A 156 5.85 -8.06 4.61
C TYR A 156 5.77 -9.37 3.77
N LEU A 157 6.55 -10.37 4.14
CA LEU A 157 6.77 -11.51 3.24
C LEU A 157 5.89 -12.69 3.64
N PRO A 158 5.40 -13.46 2.65
CA PRO A 158 4.61 -14.66 2.93
C PRO A 158 5.48 -15.79 3.44
N LYS A 159 4.88 -16.64 4.30
CA LYS A 159 5.53 -17.88 4.72
C LYS A 159 4.55 -19.04 4.52
N LEU A 160 5.02 -20.12 3.93
CA LEU A 160 4.27 -21.35 3.90
C LEU A 160 4.09 -21.87 5.31
N GLU A 161 2.89 -22.31 5.65
CA GLU A 161 2.62 -22.90 6.96
C GLU A 161 2.20 -24.35 6.77
N GLY A 162 1.84 -25.00 7.88
CA GLY A 162 1.64 -26.43 7.90
C GLY A 162 0.45 -26.91 7.11
N ASP A 163 -0.54 -26.05 6.89
CA ASP A 163 -1.66 -26.45 6.04
C ASP A 163 -1.31 -26.37 4.51
N GLY A 164 -0.08 -25.98 4.19
CA GLY A 164 0.33 -25.88 2.80
C GLY A 164 -0.04 -24.55 2.17
N LYS A 165 -0.66 -23.67 2.93
CA LYS A 165 -1.06 -22.37 2.44
C LYS A 165 0.00 -21.29 2.82
N LYS A 166 0.13 -20.26 1.97
CA LYS A 166 1.07 -19.15 2.19
C LYS A 166 0.34 -18.00 2.84
N TYR A 167 0.92 -17.47 3.92
CA TYR A 167 0.30 -16.35 4.64
C TYR A 167 1.27 -15.21 4.90
N ILE A 168 0.72 -14.00 4.84
CA ILE A 168 1.44 -12.83 5.29
C ILE A 168 0.93 -12.59 6.69
N LYS A 169 1.83 -12.57 7.66
CA LYS A 169 1.43 -12.35 9.04
C LYS A 169 2.37 -11.40 9.66
N TYR A 170 1.85 -10.31 10.22
CA TYR A 170 2.69 -9.45 11.03
C TYR A 170 1.94 -8.79 12.17
N GLN A 171 2.67 -8.50 13.24
CA GLN A 171 2.12 -7.80 14.38
C GLN A 171 1.85 -6.35 14.01
N VAL A 172 0.83 -5.77 14.61
CA VAL A 172 0.63 -4.32 14.59
C VAL A 172 0.61 -3.82 16.02
N ILE A 173 1.14 -2.61 16.26
CA ILE A 173 1.30 -2.13 17.62
C ILE A 173 0.71 -0.75 17.90
N GLY A 174 0.30 -0.58 19.15
CA GLY A 174 -0.23 0.69 19.60
C GLY A 174 -1.66 0.82 19.13
N ASP A 175 -2.29 1.90 19.54
CA ASP A 175 -3.68 2.17 19.21
C ASP A 175 -3.85 2.48 17.70
N ASN A 176 -2.80 3.01 17.08
CA ASN A 176 -2.82 3.32 15.67
C ASN A 176 -2.48 2.12 14.77
N ASN A 177 -2.24 0.96 15.37
CA ASN A 177 -1.92 -0.25 14.61
C ASN A 177 -0.76 -0.08 13.60
N VAL A 178 0.41 0.29 14.13
CA VAL A 178 1.58 0.49 13.29
C VAL A 178 2.14 -0.89 12.91
N ALA A 179 2.47 -1.06 11.64
CA ALA A 179 2.92 -2.34 11.19
C ALA A 179 4.35 -2.63 11.66
N VAL A 180 4.55 -3.89 12.07
CA VAL A 180 5.84 -4.47 12.39
C VAL A 180 6.29 -5.31 11.18
N PRO A 181 7.25 -4.80 10.40
CA PRO A 181 7.62 -5.52 9.17
C PRO A 181 8.25 -6.85 9.43
N THR A 182 7.99 -7.83 8.57
CA THR A 182 8.61 -9.15 8.76
C THR A 182 10.09 -9.12 8.39
N HIS A 183 10.43 -8.27 7.43
CA HIS A 183 11.77 -8.10 6.90
C HIS A 183 12.00 -6.62 6.53
N PHE A 184 13.28 -6.28 6.27
CA PHE A 184 13.65 -5.02 5.63
C PHE A 184 14.57 -5.28 4.45
N PHE A 185 14.46 -4.42 3.43
CA PHE A 185 15.37 -4.46 2.30
C PHE A 185 16.26 -3.25 2.28
N LYS A 186 17.44 -3.41 1.69
CA LYS A 186 18.31 -2.30 1.43
C LYS A 186 19.01 -2.54 0.09
N VAL A 187 18.98 -1.53 -0.77
CA VAL A 187 19.59 -1.65 -2.08
C VAL A 187 20.51 -0.45 -2.22
N ALA A 188 21.80 -0.73 -2.46
CA ALA A 188 22.82 0.30 -2.60
C ALA A 188 23.41 0.29 -3.98
N LEU A 189 23.48 1.47 -4.57
CA LEU A 189 24.07 1.64 -5.88
C LEU A 189 25.32 2.49 -5.76
N PHE A 190 26.47 1.88 -6.04
CA PHE A 190 27.77 2.51 -5.83
C PHE A 190 28.49 2.81 -7.14
N GLU A 191 28.68 4.10 -7.43
CA GLU A 191 29.37 4.56 -8.64
C GLU A 191 30.88 4.48 -8.43
N VAL A 192 31.50 3.44 -9.01
CA VAL A 192 32.91 3.10 -8.74
C VAL A 192 33.81 3.96 -9.61
N THR A 193 33.71 3.72 -10.91
CA THR A 193 34.34 4.56 -11.93
C THR A 193 33.23 5.32 -12.65
N PRO A 194 33.48 6.60 -12.99
CA PRO A 194 32.43 7.47 -13.55
C PRO A 194 31.55 6.76 -14.57
N GLY A 195 30.24 6.84 -14.33
CA GLY A 195 29.24 6.15 -15.12
C GLY A 195 29.11 4.65 -14.88
N LYS A 196 29.78 4.12 -13.87
CA LYS A 196 29.71 2.67 -13.64
C LYS A 196 29.54 2.26 -12.17
N PHE A 197 28.79 1.18 -12.00
CA PHE A 197 28.11 0.92 -10.74
C PHE A 197 28.32 -0.44 -10.17
N GLU A 198 28.57 -0.48 -8.87
CA GLU A 198 28.33 -1.67 -8.03
C GLU A 198 26.93 -1.61 -7.39
N LEU A 199 26.22 -2.74 -7.48
CA LEU A 199 24.86 -2.88 -6.95
C LEU A 199 24.84 -3.94 -5.85
N GLU A 200 24.28 -3.57 -4.70
CA GLU A 200 24.14 -4.50 -3.58
C GLU A 200 22.70 -4.51 -3.04
N SER A 201 22.11 -5.71 -3.03
CA SER A 201 20.73 -5.94 -2.66
C SER A 201 20.68 -6.90 -1.47
N TYR A 202 20.13 -6.42 -0.36
CA TYR A 202 19.96 -7.21 0.85
C TYR A 202 18.48 -7.28 1.27
N ILE A 203 18.06 -8.46 1.70
CA ILE A 203 16.86 -8.60 2.54
C ILE A 203 17.24 -9.25 3.89
N LEU A 204 16.97 -8.56 4.99
CA LEU A 204 17.18 -9.10 6.33
C LEU A 204 15.85 -9.25 7.08
N PRO A 205 15.72 -10.34 7.87
CA PRO A 205 14.58 -10.52 8.77
C PRO A 205 14.63 -9.55 9.98
N ASN A 206 13.45 -9.08 10.34
CA ASN A 206 13.24 -8.24 11.50
C ASN A 206 13.20 -9.20 12.68
N ALA A 207 14.37 -9.63 13.15
CA ALA A 207 14.49 -10.68 14.14
C ALA A 207 15.89 -10.66 14.68
N VAL A 208 16.12 -11.47 15.71
CA VAL A 208 17.47 -11.61 16.22
C VAL A 208 18.28 -12.39 15.20
N ILE A 209 19.38 -11.78 14.78
CA ILE A 209 20.36 -12.41 13.88
C ILE A 209 21.70 -12.59 14.62
N GLU A 210 22.27 -13.79 14.54
CA GLU A 210 23.57 -14.04 15.18
C GLU A 210 24.63 -13.13 14.58
N ASP A 211 25.45 -12.51 15.42
CA ASP A 211 26.54 -11.65 14.93
C ASP A 211 27.55 -12.41 14.05
N THR A 212 27.56 -13.73 14.19
CA THR A 212 28.35 -14.61 13.31
C THR A 212 28.01 -14.45 11.82
N VAL A 213 26.76 -14.19 11.52
CA VAL A 213 26.36 -14.14 10.11
C VAL A 213 26.89 -12.90 9.37
N GLU A 214 27.56 -13.13 8.25
CA GLU A 214 28.04 -12.05 7.39
C GLU A 214 26.90 -11.46 6.60
N ILE A 215 27.02 -10.17 6.29
CA ILE A 215 25.89 -9.48 5.67
C ILE A 215 25.62 -10.02 4.27
N SER A 216 26.67 -10.51 3.60
CA SER A 216 26.53 -11.03 2.25
C SER A 216 25.61 -12.23 2.21
N LYS A 217 25.43 -12.92 3.35
CA LYS A 217 24.47 -14.04 3.42
C LYS A 217 23.03 -13.59 3.16
N PHE A 218 22.78 -12.30 3.36
CA PHE A 218 21.46 -11.78 3.08
C PHE A 218 21.29 -11.17 1.70
N HIS A 219 22.26 -11.37 0.81
CA HIS A 219 22.09 -10.95 -0.57
C HIS A 219 20.85 -11.57 -1.23
N VAL A 220 20.18 -10.80 -2.06
CA VAL A 220 19.13 -11.34 -2.92
C VAL A 220 19.17 -10.64 -4.28
N PRO A 221 18.67 -11.30 -5.31
CA PRO A 221 18.61 -10.50 -6.56
C PRO A 221 17.67 -9.29 -6.40
N LEU A 222 18.02 -8.19 -7.07
CA LEU A 222 17.22 -6.99 -7.06
C LEU A 222 15.77 -7.26 -7.42
N ASP A 223 15.55 -8.11 -8.42
CA ASP A 223 14.20 -8.48 -8.85
C ASP A 223 13.33 -8.98 -7.69
N ALA A 224 13.93 -9.69 -6.75
CA ALA A 224 13.24 -10.19 -5.59
C ALA A 224 12.80 -9.04 -4.70
N VAL A 225 13.64 -8.02 -4.55
CA VAL A 225 13.26 -6.89 -3.76
C VAL A 225 12.10 -6.19 -4.42
N GLU A 226 12.16 -6.03 -5.75
CA GLU A 226 11.09 -5.34 -6.51
C GLU A 226 9.73 -5.97 -6.31
N ARG A 227 9.70 -7.29 -6.48
CA ARG A 227 8.47 -8.06 -6.44
C ARG A 227 7.86 -8.07 -5.07
N SER A 228 8.72 -8.30 -4.08
CA SER A 228 8.34 -8.36 -2.69
C SER A 228 7.84 -7.03 -2.20
N ALA A 229 8.48 -5.95 -2.60
CA ALA A 229 8.08 -4.60 -2.14
C ALA A 229 7.09 -3.87 -3.03
N GLY A 230 6.89 -4.33 -4.27
CA GLY A 230 6.00 -3.62 -5.18
C GLY A 230 6.59 -2.28 -5.59
N LEU A 231 7.91 -2.27 -5.82
CA LEU A 231 8.63 -1.06 -6.11
C LEU A 231 9.47 -1.25 -7.35
N GLU A 232 9.72 -0.16 -8.06
CA GLU A 232 10.66 -0.17 -9.18
C GLU A 232 11.91 0.55 -8.75
N ILE A 233 12.90 -0.26 -8.40
CA ILE A 233 14.18 0.20 -7.90
C ILE A 233 15.15 0.46 -9.04
N PHE A 234 15.65 1.70 -9.08
CA PHE A 234 16.62 2.15 -10.08
C PHE A 234 16.17 1.82 -11.50
N ALA A 235 14.94 2.23 -11.81
CA ALA A 235 14.34 2.07 -13.13
C ALA A 235 15.04 2.92 -14.21
N ARG A 236 15.34 4.17 -13.85
CA ARG A 236 15.93 5.15 -14.77
C ARG A 236 17.32 4.76 -15.19
N LEU A 237 17.82 3.69 -14.59
CA LEU A 237 19.15 3.18 -14.86
C LEU A 237 19.12 2.00 -15.81
N ASP A 238 20.21 1.84 -16.55
CA ASP A 238 20.34 0.78 -17.55
C ASP A 238 21.38 -0.29 -17.11
N PRO A 239 21.06 -1.58 -17.25
CA PRO A 239 21.90 -2.66 -16.71
C PRO A 239 23.25 -2.86 -17.36
N LYS A 240 23.55 -2.13 -18.43
CA LYS A 240 24.89 -2.22 -19.02
C LYS A 240 25.90 -1.64 -18.06
N SER A 241 25.52 -0.59 -17.34
CA SER A 241 26.46 0.17 -16.50
C SER A 241 26.67 -0.44 -15.10
N ILE A 242 26.12 -1.63 -14.87
CA ILE A 242 26.34 -2.34 -13.63
C ILE A 242 27.51 -3.27 -13.80
N VAL A 243 28.64 -2.98 -13.15
CA VAL A 243 29.83 -3.82 -13.33
C VAL A 243 29.88 -4.98 -12.31
N LYS A 244 29.30 -4.77 -11.12
CA LYS A 244 29.25 -5.81 -10.08
C LYS A 244 27.86 -5.90 -9.45
N GLU A 245 27.39 -7.13 -9.24
CA GLU A 245 26.08 -7.43 -8.65
C GLU A 245 26.20 -8.40 -7.49
N ASN A 246 25.97 -7.92 -6.28
CA ASN A 246 26.05 -8.74 -5.08
C ASN A 246 27.39 -9.49 -4.97
N GLY A 247 28.47 -8.77 -5.28
CA GLY A 247 29.82 -9.30 -5.13
C GLY A 247 30.41 -9.81 -6.44
N ALA A 248 29.56 -10.13 -7.43
CA ALA A 248 30.04 -10.78 -8.65
C ALA A 248 30.10 -9.81 -9.84
N PRO B 10 -12.34 10.84 -18.83
CA PRO B 10 -12.08 12.19 -19.33
C PRO B 10 -12.96 13.27 -18.60
N SER B 11 -14.01 13.77 -19.25
CA SER B 11 -14.98 14.55 -18.52
C SER B 11 -15.74 13.55 -17.67
N ARG B 12 -15.84 12.33 -18.18
CA ARG B 12 -16.48 11.26 -17.43
C ARG B 12 -15.75 11.00 -16.10
N SER B 13 -14.42 10.97 -16.11
CA SER B 13 -13.67 10.67 -14.88
C SER B 13 -13.79 11.80 -13.86
N ALA B 14 -14.03 13.01 -14.33
CA ALA B 14 -14.26 14.13 -13.44
C ALA B 14 -15.65 14.10 -12.80
N GLU B 15 -16.66 13.60 -13.52
CA GLU B 15 -17.97 13.37 -12.90
C GLU B 15 -17.86 12.28 -11.84
N ILE B 16 -17.16 11.20 -12.17
CA ILE B 16 -16.98 10.08 -11.27
C ILE B 16 -16.25 10.47 -9.97
N MET B 17 -15.22 11.30 -10.09
CA MET B 17 -14.36 11.66 -8.96
C MET B 17 -14.71 13.01 -8.36
N LYS B 18 -15.93 13.48 -8.61
CA LYS B 18 -16.32 14.84 -8.17
C LYS B 18 -16.10 15.12 -6.68
N HIS B 19 -16.38 14.14 -5.83
CA HIS B 19 -16.25 14.32 -4.40
C HIS B 19 -14.89 13.86 -3.87
N GLY B 20 -13.92 13.61 -4.75
CA GLY B 20 -12.54 13.48 -4.30
C GLY B 20 -11.89 12.15 -4.63
N TYR B 21 -10.56 12.15 -4.62
CA TYR B 21 -9.75 10.95 -4.84
C TYR B 21 -9.41 10.30 -3.50
N PRO B 22 -9.72 8.99 -3.35
CA PRO B 22 -9.34 8.33 -2.10
C PRO B 22 -7.84 8.25 -1.89
N GLY B 23 -7.11 8.25 -2.99
CA GLY B 23 -5.65 8.29 -2.95
C GLY B 23 -5.19 8.50 -4.38
N PHE B 24 -3.87 8.44 -4.62
CA PHE B 24 -3.33 8.69 -5.96
C PHE B 24 -2.37 7.63 -6.47
N THR B 25 -2.37 6.46 -5.86
CA THR B 25 -1.39 5.41 -6.19
C THR B 25 -1.82 4.61 -7.42
N ASN B 26 -1.03 4.66 -8.48
CA ASN B 26 -1.23 3.77 -9.61
C ASN B 26 -2.69 3.82 -10.06
N VAL B 27 -3.13 5.02 -10.43
CA VAL B 27 -4.50 5.25 -10.86
C VAL B 27 -4.71 4.95 -12.34
N ARG B 28 -5.78 4.25 -12.62
CA ARG B 28 -6.19 4.05 -14.00
C ARG B 28 -7.64 4.49 -14.16
N THR B 29 -7.85 5.27 -15.20
CA THR B 29 -9.18 5.73 -15.55
C THR B 29 -9.71 4.88 -16.71
N TYR B 30 -10.63 4.00 -16.40
CA TYR B 30 -11.29 3.21 -17.41
C TYR B 30 -12.50 4.01 -17.90
N GLU B 31 -13.30 3.46 -18.78
CA GLU B 31 -14.34 4.24 -19.41
C GLU B 31 -15.42 4.67 -18.44
N ASP B 32 -15.82 3.77 -17.52
CA ASP B 32 -16.91 4.13 -16.60
C ASP B 32 -16.58 3.97 -15.10
N PHE B 33 -15.30 3.76 -14.75
CA PHE B 33 -14.89 3.78 -13.35
C PHE B 33 -13.41 4.04 -13.24
N VAL B 34 -12.99 4.43 -12.03
CA VAL B 34 -11.61 4.78 -11.74
C VAL B 34 -11.09 3.81 -10.68
N LEU B 35 -9.84 3.38 -10.84
CA LEU B 35 -9.26 2.34 -10.02
C LEU B 35 -7.87 2.73 -9.52
N SER B 36 -7.52 2.37 -8.29
CA SER B 36 -6.16 2.53 -7.77
C SER B 36 -5.62 1.16 -7.44
N TYR B 37 -4.40 0.88 -7.90
CA TYR B 37 -3.86 -0.50 -7.87
C TYR B 37 -2.63 -0.57 -6.96
N ASP B 38 -2.64 -1.60 -6.11
CA ASP B 38 -1.60 -1.84 -5.15
C ASP B 38 -0.65 -2.94 -5.67
N TYR B 39 0.58 -2.53 -5.93
CA TYR B 39 1.60 -3.45 -6.41
C TYR B 39 2.02 -4.55 -5.44
N LYS B 40 1.81 -4.35 -4.13
CA LYS B 40 2.16 -5.36 -3.10
C LYS B 40 1.13 -6.45 -3.06
N THR B 41 -0.14 -6.06 -3.10
CA THR B 41 -1.21 -7.04 -2.91
C THR B 41 -1.68 -7.64 -4.23
N ARG B 42 -1.36 -6.97 -5.32
CA ARG B 42 -1.78 -7.35 -6.67
C ARG B 42 -3.30 -7.31 -6.77
N THR B 43 -3.92 -6.42 -6.03
CA THR B 43 -5.33 -6.14 -6.20
C THR B 43 -5.52 -4.64 -5.96
N ALA B 44 -6.74 -4.16 -6.08
CA ALA B 44 -7.00 -2.76 -5.94
C ALA B 44 -6.80 -2.24 -4.50
N HIS B 45 -6.36 -0.99 -4.38
CA HIS B 45 -6.59 -0.16 -3.19
C HIS B 45 -8.06 0.24 -3.11
N TRP B 46 -8.59 0.74 -4.22
CA TRP B 46 -9.98 1.16 -4.29
C TRP B 46 -10.45 1.31 -5.73
N VAL B 47 -11.77 1.32 -5.89
CA VAL B 47 -12.42 1.73 -7.12
C VAL B 47 -13.57 2.69 -6.76
N CYS B 48 -13.84 3.64 -7.66
CA CYS B 48 -14.88 4.59 -7.43
C CYS B 48 -15.79 4.54 -8.65
N GLU B 49 -17.10 4.58 -8.41
CA GLU B 49 -18.11 4.46 -9.44
C GLU B 49 -19.13 5.57 -9.24
N HIS B 50 -19.78 5.98 -10.32
CA HIS B 50 -20.85 6.96 -10.23
C HIS B 50 -22.06 6.49 -11.06
N LEU B 51 -23.22 6.45 -10.42
CA LEU B 51 -24.43 6.01 -11.06
C LEU B 51 -25.50 7.09 -11.03
N THR B 52 -26.40 7.01 -12.00
CA THR B 52 -27.65 7.76 -11.96
C THR B 52 -28.72 6.84 -12.55
N PRO B 53 -30.01 7.15 -12.33
CA PRO B 53 -31.12 6.39 -12.92
C PRO B 53 -30.96 6.25 -14.42
N GLU B 54 -30.71 7.34 -15.13
CA GLU B 54 -30.42 7.26 -16.56
C GLU B 54 -29.32 6.23 -16.85
N ARG B 55 -28.23 6.21 -16.06
CA ARG B 55 -27.09 5.34 -16.41
C ARG B 55 -27.37 3.89 -16.04
N LEU B 56 -28.45 3.66 -15.28
CA LEU B 56 -28.86 2.29 -15.01
C LEU B 56 -29.80 1.67 -16.08
N LYS B 57 -30.22 2.45 -17.07
CA LYS B 57 -30.86 1.87 -18.25
C LYS B 57 -29.83 1.15 -19.13
N HIS B 58 -30.10 -0.11 -19.45
CA HIS B 58 -29.25 -0.86 -20.37
C HIS B 58 -29.24 -0.26 -21.74
N ALA B 59 -28.08 -0.39 -22.38
CA ALA B 59 -27.89 -0.05 -23.79
C ALA B 59 -28.02 -1.31 -24.64
N GLU B 60 -28.21 -1.12 -25.93
CA GLU B 60 -28.50 -2.21 -26.85
C GLU B 60 -27.18 -2.89 -27.24
N GLY B 61 -27.21 -4.20 -27.48
CA GLY B 61 -26.05 -4.88 -28.04
C GLY B 61 -24.99 -5.25 -27.00
N VAL B 62 -24.97 -4.54 -25.88
CA VAL B 62 -24.11 -4.89 -24.74
C VAL B 62 -24.39 -6.33 -24.35
N ASP B 63 -23.46 -6.93 -23.61
CA ASP B 63 -23.57 -8.31 -23.16
C ASP B 63 -22.35 -8.65 -22.29
N ARG B 64 -22.61 -9.32 -21.17
CA ARG B 64 -21.55 -9.62 -20.21
C ARG B 64 -21.10 -11.09 -20.29
N LYS B 65 -21.71 -11.83 -21.21
CA LYS B 65 -21.47 -13.25 -21.32
C LYS B 65 -20.16 -13.51 -22.04
N LEU B 66 -19.86 -12.65 -23.01
CA LEU B 66 -18.62 -12.73 -23.77
C LEU B 66 -17.49 -11.85 -23.14
N CYS B 67 -17.42 -11.85 -21.82
CA CYS B 67 -16.36 -11.16 -21.09
C CYS B 67 -15.49 -12.18 -20.38
N GLU B 68 -14.18 -12.01 -20.45
CA GLU B 68 -13.22 -12.89 -19.77
C GLU B 68 -12.25 -12.11 -18.88
N ALA B 69 -11.95 -12.61 -17.69
CA ALA B 69 -11.00 -11.93 -16.83
C ALA B 69 -9.62 -11.94 -17.48
N LYS B 70 -8.89 -10.84 -17.36
CA LYS B 70 -7.51 -10.77 -17.87
C LYS B 70 -6.82 -9.59 -17.20
N PRO B 71 -5.49 -9.59 -17.19
CA PRO B 71 -4.78 -8.47 -16.60
C PRO B 71 -4.85 -7.25 -17.50
N ASP B 72 -4.72 -6.10 -16.84
CA ASP B 72 -4.54 -4.80 -17.49
C ASP B 72 -3.05 -4.56 -17.55
N ILE B 73 -2.50 -4.74 -18.75
CA ILE B 73 -1.06 -4.70 -18.94
C ILE B 73 -0.44 -3.28 -18.96
N THR B 74 -1.21 -2.23 -18.65
CA THR B 74 -0.59 -0.91 -18.49
C THR B 74 0.12 -0.80 -17.14
N PHE B 75 -0.02 -1.82 -16.30
CA PHE B 75 0.84 -1.96 -15.12
C PHE B 75 2.01 -2.84 -15.48
N PRO B 76 3.15 -2.66 -14.81
CA PRO B 76 4.34 -3.48 -15.11
C PRO B 76 4.11 -4.97 -14.85
N GLN B 77 4.73 -5.83 -15.65
CA GLN B 77 4.37 -7.23 -15.71
C GLN B 77 4.57 -7.87 -14.35
N LYS B 78 5.62 -7.46 -13.67
CA LYS B 78 6.04 -8.09 -12.42
C LYS B 78 5.08 -7.77 -11.26
N PHE B 79 4.17 -6.83 -11.47
CA PHE B 79 3.20 -6.53 -10.43
C PHE B 79 1.83 -6.99 -10.85
N LEU B 80 1.72 -7.71 -11.97
CA LEU B 80 0.40 -8.21 -12.37
C LEU B 80 0.00 -9.46 -11.60
N SER B 81 -1.30 -9.64 -11.46
CA SER B 81 -1.89 -10.92 -11.18
C SER B 81 -2.33 -11.57 -12.52
N GLN B 82 -2.45 -12.89 -12.49
CA GLN B 82 -2.82 -13.68 -13.66
C GLN B 82 -3.95 -14.59 -13.28
N ASN B 83 -4.61 -15.14 -14.28
CA ASN B 83 -5.72 -16.03 -14.03
C ASN B 83 -5.22 -17.29 -13.29
N THR B 84 -4.00 -17.74 -13.60
CA THR B 84 -3.38 -18.86 -12.85
C THR B 84 -3.24 -18.63 -11.33
N ASP B 85 -3.24 -17.40 -10.85
CA ASP B 85 -3.14 -17.16 -9.40
C ASP B 85 -4.45 -17.49 -8.73
N TYR B 86 -5.56 -17.34 -9.46
CA TYR B 86 -6.88 -17.56 -8.91
C TYR B 86 -7.31 -19.01 -9.10
N LYS B 87 -6.75 -19.63 -10.13
CA LYS B 87 -7.18 -20.95 -10.59
C LYS B 87 -7.02 -22.01 -9.51
N CYS B 88 -8.12 -22.65 -9.13
CA CYS B 88 -8.11 -23.73 -8.14
C CYS B 88 -7.66 -23.23 -6.77
N SER B 89 -8.03 -22.00 -6.43
CA SER B 89 -7.64 -21.40 -5.16
C SER B 89 -8.71 -21.56 -4.09
N GLY B 90 -9.96 -21.78 -4.51
CA GLY B 90 -11.10 -21.75 -3.59
C GLY B 90 -11.80 -20.40 -3.50
N PHE B 91 -11.24 -19.42 -4.20
CA PHE B 91 -11.81 -18.09 -4.21
C PHE B 91 -12.28 -17.73 -5.60
N ASP B 92 -13.28 -16.84 -5.64
CA ASP B 92 -13.71 -16.19 -6.87
C ASP B 92 -12.80 -15.03 -7.22
N ARG B 93 -12.74 -14.72 -8.52
CA ARG B 93 -12.33 -13.41 -8.99
C ARG B 93 -13.50 -12.49 -8.74
N GLY B 94 -13.45 -11.78 -7.61
CA GLY B 94 -14.52 -10.90 -7.21
C GLY B 94 -14.28 -9.49 -7.71
N ALA B 95 -15.19 -9.02 -8.53
CA ALA B 95 -15.11 -7.71 -9.15
C ALA B 95 -15.47 -6.70 -8.12
N LEU B 96 -14.60 -5.70 -7.92
CA LEU B 96 -14.92 -4.64 -6.96
C LEU B 96 -15.92 -3.66 -7.60
N ALA B 97 -15.59 -3.16 -8.79
CA ALA B 97 -16.55 -2.39 -9.54
C ALA B 97 -17.39 -3.42 -10.27
N ALA B 98 -18.64 -3.52 -9.90
CA ALA B 98 -19.44 -4.65 -10.36
C ALA B 98 -19.83 -4.42 -11.82
N ALA B 99 -19.77 -5.49 -12.61
CA ALA B 99 -20.23 -5.48 -13.97
C ALA B 99 -21.60 -4.87 -14.10
N GLY B 100 -22.49 -5.20 -13.15
CA GLY B 100 -23.88 -4.75 -13.18
C GLY B 100 -24.11 -3.25 -13.06
N ASN B 101 -23.10 -2.53 -12.60
CA ASN B 101 -23.16 -1.09 -12.49
C ASN B 101 -22.87 -0.36 -13.78
N HIS B 102 -22.36 -1.06 -14.78
CA HIS B 102 -21.86 -0.41 -16.00
C HIS B 102 -22.54 -1.01 -17.21
N ARG B 103 -23.49 -0.25 -17.74
CA ARG B 103 -24.53 -0.77 -18.62
C ARG B 103 -24.51 -0.15 -20.02
N LYS B 104 -23.66 0.86 -20.21
CA LYS B 104 -23.78 1.75 -21.38
C LYS B 104 -22.93 1.36 -22.59
N SER B 105 -21.98 0.45 -22.44
CA SER B 105 -21.27 -0.05 -23.60
C SER B 105 -20.57 -1.34 -23.26
N GLN B 106 -20.19 -2.07 -24.29
CA GLN B 106 -19.51 -3.33 -24.15
C GLN B 106 -18.15 -3.16 -23.46
N LEU B 107 -17.35 -2.21 -23.95
CA LEU B 107 -16.06 -1.87 -23.33
C LEU B 107 -16.17 -1.51 -21.83
N ALA B 108 -17.17 -0.70 -21.46
CA ALA B 108 -17.33 -0.31 -20.07
C ALA B 108 -17.48 -1.54 -19.17
N VAL B 109 -18.26 -2.52 -19.60
CA VAL B 109 -18.43 -3.71 -18.77
C VAL B 109 -17.23 -4.64 -18.93
N ASP B 110 -16.62 -4.69 -20.11
CA ASP B 110 -15.43 -5.57 -20.31
C ASP B 110 -14.30 -5.21 -19.37
N GLN B 111 -14.14 -3.93 -19.13
CA GLN B 111 -13.07 -3.42 -18.33
C GLN B 111 -13.24 -3.81 -16.85
N THR B 112 -14.46 -4.16 -16.40
CA THR B 112 -14.69 -4.61 -15.04
C THR B 112 -14.16 -6.00 -14.87
N PHE B 113 -13.78 -6.61 -15.98
CA PHE B 113 -13.12 -7.90 -15.92
C PHE B 113 -11.59 -7.79 -15.95
N TYR B 114 -11.04 -6.60 -15.88
CA TYR B 114 -9.61 -6.54 -15.59
C TYR B 114 -9.27 -7.09 -14.19
N LEU B 115 -8.16 -7.81 -14.09
CA LEU B 115 -7.80 -8.43 -12.81
C LEU B 115 -7.38 -7.41 -11.77
N SER B 116 -6.98 -6.25 -12.23
CA SER B 116 -6.74 -5.15 -11.33
C SER B 116 -7.99 -4.80 -10.52
N ASN B 117 -9.17 -5.14 -11.06
CA ASN B 117 -10.45 -4.86 -10.42
C ASN B 117 -10.93 -6.06 -9.65
N MET B 118 -10.11 -7.10 -9.60
CA MET B 118 -10.49 -8.34 -8.93
C MET B 118 -9.76 -8.55 -7.58
N SER B 119 -10.49 -9.07 -6.60
CA SER B 119 -9.94 -9.58 -5.36
C SER B 119 -10.34 -11.02 -5.16
N PRO B 120 -9.45 -11.82 -4.56
CA PRO B 120 -9.91 -13.15 -4.14
C PRO B 120 -11.02 -13.01 -3.13
N GLN B 121 -12.19 -13.53 -3.48
CA GLN B 121 -13.34 -13.49 -2.58
C GLN B 121 -13.93 -14.87 -2.35
N VAL B 122 -14.27 -15.12 -1.10
CA VAL B 122 -15.14 -16.23 -0.81
C VAL B 122 -16.40 -16.15 -1.68
N GLY B 123 -16.69 -17.24 -2.40
CA GLY B 123 -17.83 -17.26 -3.30
C GLY B 123 -19.18 -17.49 -2.62
N ARG B 124 -19.49 -18.77 -2.38
CA ARG B 124 -20.75 -19.17 -1.70
C ARG B 124 -20.77 -18.57 -0.31
N GLY B 125 -21.82 -17.82 -0.01
CA GLY B 125 -21.94 -17.16 1.30
C GLY B 125 -21.35 -15.77 1.42
N PHE B 126 -20.77 -15.26 0.33
CA PHE B 126 -20.24 -13.91 0.36
C PHE B 126 -20.43 -13.21 -0.99
N ASN B 127 -19.47 -13.38 -1.88
CA ASN B 127 -19.52 -12.83 -3.23
C ASN B 127 -20.81 -13.13 -3.96
N ARG B 128 -21.23 -14.39 -3.88
CA ARG B 128 -22.47 -14.80 -4.54
C ARG B 128 -23.71 -14.54 -3.69
N ASP B 129 -23.52 -13.92 -2.52
CA ASP B 129 -24.64 -13.78 -1.61
C ASP B 129 -24.68 -12.43 -0.94
N LYS B 130 -24.36 -12.34 0.33
CA LYS B 130 -24.48 -11.09 1.04
C LYS B 130 -23.74 -9.92 0.33
N TRP B 131 -22.59 -10.18 -0.29
CA TRP B 131 -21.84 -9.11 -0.95
C TRP B 131 -22.63 -8.65 -2.18
N ASN B 132 -23.20 -9.60 -2.86
CA ASN B 132 -24.04 -9.30 -3.97
C ASN B 132 -25.31 -8.60 -3.47
N ASP B 133 -25.89 -9.05 -2.35
CA ASP B 133 -27.04 -8.32 -1.80
C ASP B 133 -26.69 -6.85 -1.57
N LEU B 134 -25.46 -6.56 -1.14
CA LEU B 134 -25.09 -5.18 -0.85
C LEU B 134 -24.97 -4.38 -2.16
N GLU B 135 -24.39 -5.00 -3.18
CA GLU B 135 -24.30 -4.39 -4.51
C GLU B 135 -25.70 -4.04 -5.13
N MET B 136 -26.63 -4.98 -5.09
CA MET B 136 -27.97 -4.77 -5.61
C MET B 136 -28.66 -3.67 -4.81
N HIS B 137 -28.51 -3.71 -3.49
CA HIS B 137 -29.08 -2.66 -2.66
C HIS B 137 -28.61 -1.29 -3.10
N CYS B 138 -27.33 -1.17 -3.47
CA CYS B 138 -26.77 0.12 -3.87
C CYS B 138 -27.33 0.57 -5.21
N ARG B 139 -27.45 -0.35 -6.18
CA ARG B 139 -28.14 -0.03 -7.42
C ARG B 139 -29.58 0.36 -7.18
N ARG B 140 -30.30 -0.38 -6.34
CA ARG B 140 -31.70 -0.06 -6.09
C ARG B 140 -31.85 1.35 -5.54
N VAL B 141 -31.06 1.68 -4.52
CA VAL B 141 -31.16 3.00 -3.92
C VAL B 141 -30.88 4.03 -4.96
N ALA B 142 -29.90 3.74 -5.83
CA ALA B 142 -29.47 4.66 -6.83
C ALA B 142 -30.57 4.95 -7.89
N LYS B 143 -31.49 4.04 -8.17
CA LYS B 143 -32.59 4.40 -9.10
C LYS B 143 -33.47 5.53 -8.57
N LYS B 144 -33.42 5.81 -7.27
CA LYS B 144 -34.28 6.82 -6.69
C LYS B 144 -33.52 8.06 -6.27
N MET B 145 -32.24 8.13 -6.65
CA MET B 145 -31.35 9.25 -6.28
C MET B 145 -30.92 10.02 -7.51
N ILE B 146 -30.61 11.28 -7.33
CA ILE B 146 -30.07 12.10 -8.39
C ILE B 146 -28.65 11.67 -8.84
N ASN B 147 -27.78 11.43 -7.88
CA ASN B 147 -26.43 10.95 -8.14
C ASN B 147 -26.01 9.99 -7.07
N SER B 148 -25.28 8.94 -7.48
CA SER B 148 -24.74 7.96 -6.54
C SER B 148 -23.24 7.72 -6.76
N TYR B 149 -22.45 7.83 -5.71
CA TYR B 149 -21.01 7.50 -5.78
C TYR B 149 -20.66 6.33 -4.87
N ILE B 150 -20.03 5.30 -5.43
CA ILE B 150 -19.68 4.15 -4.65
C ILE B 150 -18.17 3.93 -4.68
N ILE B 151 -17.57 3.76 -3.50
CA ILE B 151 -16.13 3.47 -3.38
C ILE B 151 -15.96 2.11 -2.71
N THR B 152 -15.20 1.23 -3.35
CA THR B 152 -15.14 -0.15 -2.87
C THR B 152 -13.70 -0.51 -2.72
N GLY B 153 -13.33 -1.30 -1.72
CA GLY B 153 -11.96 -1.79 -1.67
C GLY B 153 -11.71 -2.87 -0.62
N PRO B 154 -10.55 -3.54 -0.72
CA PRO B 154 -10.14 -4.55 0.25
C PRO B 154 -9.56 -3.92 1.53
N LEU B 155 -9.72 -4.62 2.65
CA LEU B 155 -9.09 -4.31 3.93
C LEU B 155 -8.37 -5.55 4.44
N TYR B 156 -7.38 -5.30 5.27
CA TYR B 156 -6.61 -6.36 5.89
C TYR B 156 -6.56 -5.98 7.39
N LEU B 157 -7.42 -6.61 8.16
CA LEU B 157 -7.68 -6.10 9.50
C LEU B 157 -7.03 -6.94 10.58
N PRO B 158 -6.55 -6.28 11.65
CA PRO B 158 -5.94 -6.87 12.85
C PRO B 158 -6.86 -7.83 13.60
N LYS B 159 -6.27 -8.86 14.18
CA LYS B 159 -7.01 -9.81 15.00
C LYS B 159 -6.21 -10.08 16.27
N LEU B 160 -6.84 -9.90 17.42
CA LEU B 160 -6.18 -10.18 18.71
C LEU B 160 -6.05 -11.69 18.86
N GLU B 161 -4.81 -12.17 18.86
CA GLU B 161 -4.51 -13.59 18.91
C GLU B 161 -4.25 -14.08 20.31
N GLY B 162 -4.01 -15.40 20.39
CA GLY B 162 -3.71 -16.12 21.62
C GLY B 162 -2.26 -15.98 22.04
N ASP B 163 -1.83 -14.71 22.09
CA ASP B 163 -0.84 -14.27 23.04
C ASP B 163 -1.73 -13.17 23.59
N GLY B 164 -1.49 -11.90 23.34
CA GLY B 164 -2.15 -10.64 23.65
C GLY B 164 -1.73 -9.59 22.67
N LYS B 165 -1.06 -10.06 21.61
CA LYS B 165 -0.58 -9.22 20.54
C LYS B 165 -1.59 -9.20 19.38
N LYS B 166 -1.69 -8.06 18.73
CA LYS B 166 -2.49 -7.92 17.52
C LYS B 166 -1.69 -8.29 16.28
N TYR B 167 -2.30 -9.07 15.39
CA TYR B 167 -1.68 -9.43 14.12
C TYR B 167 -2.63 -9.22 12.95
N ILE B 168 -2.05 -8.77 11.85
CA ILE B 168 -2.70 -8.85 10.59
C ILE B 168 -2.22 -10.12 9.94
N LYS B 169 -3.17 -10.97 9.54
CA LYS B 169 -2.82 -12.21 8.86
C LYS B 169 -3.72 -12.46 7.69
N TYR B 170 -3.16 -12.68 6.51
CA TYR B 170 -3.97 -13.12 5.38
C TYR B 170 -3.19 -14.03 4.43
N GLN B 171 -3.96 -14.85 3.73
CA GLN B 171 -3.42 -15.75 2.74
C GLN B 171 -3.02 -14.97 1.47
N VAL B 172 -1.97 -15.42 0.81
CA VAL B 172 -1.69 -14.97 -0.53
C VAL B 172 -1.74 -16.23 -1.41
N ILE B 173 -2.25 -16.07 -2.63
CA ILE B 173 -2.48 -17.20 -3.53
C ILE B 173 -1.71 -17.05 -4.85
N GLY B 174 -1.38 -18.19 -5.44
CA GLY B 174 -0.79 -18.21 -6.76
C GLY B 174 0.69 -17.89 -6.70
N ASP B 175 1.38 -18.09 -7.81
CA ASP B 175 2.79 -17.78 -7.88
C ASP B 175 3.06 -16.29 -7.66
N ASN B 176 2.10 -15.42 -7.96
CA ASN B 176 2.32 -13.98 -7.78
C ASN B 176 1.88 -13.44 -6.39
N ASN B 177 1.49 -14.34 -5.51
CA ASN B 177 1.14 -13.97 -4.15
C ASN B 177 0.08 -12.87 -4.07
N VAL B 178 -1.07 -13.14 -4.69
CA VAL B 178 -2.22 -12.23 -4.67
C VAL B 178 -2.83 -12.29 -3.27
N ALA B 179 -2.97 -11.13 -2.63
CA ALA B 179 -3.55 -11.06 -1.28
C ALA B 179 -5.03 -11.45 -1.24
N VAL B 180 -5.38 -12.28 -0.25
CA VAL B 180 -6.76 -12.55 0.10
C VAL B 180 -7.23 -11.66 1.23
N PRO B 181 -7.95 -10.58 0.89
CA PRO B 181 -8.38 -9.64 1.95
C PRO B 181 -9.17 -10.30 3.06
N THR B 182 -9.03 -9.79 4.29
CA THR B 182 -9.82 -10.25 5.41
C THR B 182 -11.22 -9.68 5.39
N HIS B 183 -11.35 -8.50 4.82
CA HIS B 183 -12.60 -7.76 4.71
C HIS B 183 -12.64 -6.92 3.47
N PHE B 184 -13.80 -6.31 3.23
CA PHE B 184 -14.03 -5.37 2.14
C PHE B 184 -14.88 -4.25 2.72
N PHE B 185 -14.61 -3.01 2.30
CA PHE B 185 -15.46 -1.89 2.63
C PHE B 185 -16.23 -1.49 1.38
N LYS B 186 -17.36 -0.85 1.61
CA LYS B 186 -18.10 -0.17 0.57
C LYS B 186 -18.73 1.07 1.19
N VAL B 187 -18.44 2.23 0.60
CA VAL B 187 -19.03 3.50 1.00
C VAL B 187 -19.83 4.11 -0.12
N ALA B 188 -21.10 4.35 0.16
CA ALA B 188 -22.02 4.91 -0.82
C ALA B 188 -22.51 6.29 -0.39
N LEU B 189 -22.35 7.22 -1.33
CA LEU B 189 -22.82 8.57 -1.18
C LEU B 189 -24.00 8.80 -2.14
N PHE B 190 -25.18 8.96 -1.57
CA PHE B 190 -26.40 9.13 -2.35
C PHE B 190 -26.91 10.56 -2.27
N GLU B 191 -27.12 11.20 -3.43
CA GLU B 191 -27.61 12.58 -3.48
C GLU B 191 -29.15 12.51 -3.52
N VAL B 192 -29.78 12.80 -2.39
CA VAL B 192 -31.22 12.53 -2.23
C VAL B 192 -32.00 13.70 -2.79
N THR B 193 -31.53 14.92 -2.51
CA THR B 193 -31.96 16.12 -3.21
C THR B 193 -30.70 16.91 -3.58
N PRO B 194 -30.79 17.85 -4.54
CA PRO B 194 -29.57 18.55 -4.99
C PRO B 194 -28.72 19.13 -3.86
N GLY B 195 -27.45 18.70 -3.76
CA GLY B 195 -26.52 19.22 -2.76
C GLY B 195 -26.70 18.64 -1.37
N LYS B 196 -27.54 17.61 -1.26
CA LYS B 196 -27.84 16.99 0.03
C LYS B 196 -27.64 15.49 -0.06
N PHE B 197 -26.82 14.94 0.81
CA PHE B 197 -26.42 13.55 0.64
C PHE B 197 -26.73 12.64 1.81
N GLU B 198 -27.06 11.39 1.48
CA GLU B 198 -27.09 10.28 2.42
C GLU B 198 -25.80 9.47 2.23
N LEU B 199 -25.17 9.13 3.33
CA LEU B 199 -23.93 8.40 3.36
C LEU B 199 -24.13 7.04 4.04
N GLU B 200 -23.73 5.96 3.38
CA GLU B 200 -23.76 4.64 3.99
C GLU B 200 -22.37 4.01 3.89
N SER B 201 -21.82 3.58 5.02
CA SER B 201 -20.51 2.93 5.07
C SER B 201 -20.59 1.50 5.57
N TYR B 202 -19.95 0.57 4.88
CA TYR B 202 -19.98 -0.84 5.25
C TYR B 202 -18.62 -1.49 5.33
N ILE B 203 -18.44 -2.39 6.29
CA ILE B 203 -17.35 -3.37 6.28
C ILE B 203 -17.92 -4.75 6.48
N LEU B 204 -17.63 -5.62 5.51
CA LEU B 204 -17.98 -7.05 5.57
C LEU B 204 -16.73 -7.92 5.63
N PRO B 205 -16.84 -9.05 6.33
CA PRO B 205 -15.74 -10.02 6.29
C PRO B 205 -15.78 -10.83 5.01
N ASN B 206 -14.59 -11.12 4.52
CA ASN B 206 -14.40 -12.03 3.40
C ASN B 206 -14.54 -13.44 3.91
N ALA B 207 -15.78 -13.84 4.11
CA ALA B 207 -16.12 -15.05 4.83
C ALA B 207 -17.55 -15.37 4.54
N VAL B 208 -17.98 -16.55 4.95
CA VAL B 208 -19.37 -16.98 4.86
C VAL B 208 -20.16 -16.17 5.87
N ILE B 209 -21.20 -15.52 5.38
CA ILE B 209 -22.07 -14.71 6.20
C ILE B 209 -23.42 -15.37 6.13
N GLU B 210 -24.09 -15.48 7.26
CA GLU B 210 -25.30 -16.24 7.30
C GLU B 210 -26.34 -15.29 6.62
N THR B 212 -29.64 -14.28 6.91
CA THR B 212 -30.51 -13.67 7.93
C THR B 212 -29.92 -12.37 8.41
N VAL B 213 -28.61 -12.26 8.34
CA VAL B 213 -27.93 -11.05 8.73
C VAL B 213 -28.23 -9.89 7.76
N GLU B 214 -28.77 -8.81 8.31
CA GLU B 214 -29.12 -7.63 7.52
C GLU B 214 -27.85 -6.84 7.18
N ILE B 215 -27.79 -6.23 6.00
CA ILE B 215 -26.57 -5.57 5.64
C ILE B 215 -26.29 -4.44 6.61
N SER B 216 -27.28 -3.94 7.34
CA SER B 216 -27.05 -2.81 8.22
C SER B 216 -26.26 -3.19 9.46
N LYS B 217 -26.11 -4.49 9.73
CA LYS B 217 -25.25 -4.94 10.79
C LYS B 217 -23.79 -4.65 10.48
N PHE B 218 -23.50 -4.36 9.22
CA PHE B 218 -22.12 -4.15 8.79
C PHE B 218 -21.83 -2.69 8.63
N HIS B 219 -22.73 -1.81 9.04
CA HIS B 219 -22.41 -0.38 9.11
C HIS B 219 -21.22 -0.17 10.04
N VAL B 220 -20.36 0.77 9.70
CA VAL B 220 -19.33 1.28 10.60
C VAL B 220 -19.18 2.75 10.27
N PRO B 221 -18.64 3.55 11.19
CA PRO B 221 -18.40 4.96 10.85
C PRO B 221 -17.46 5.12 9.68
N LEU B 222 -17.67 6.12 8.84
CA LEU B 222 -16.74 6.40 7.73
C LEU B 222 -15.29 6.43 8.19
N ASP B 223 -15.09 7.05 9.34
CA ASP B 223 -13.78 7.26 9.90
C ASP B 223 -13.05 5.95 10.10
N ALA B 224 -13.78 4.91 10.48
CA ALA B 224 -13.21 3.62 10.73
C ALA B 224 -12.74 2.97 9.44
N VAL B 225 -13.34 3.37 8.33
CA VAL B 225 -12.94 2.80 7.05
C VAL B 225 -11.70 3.54 6.57
N GLU B 226 -11.67 4.84 6.80
CA GLU B 226 -10.51 5.62 6.42
C GLU B 226 -9.23 5.14 7.14
N ARG B 227 -9.30 4.99 8.46
CA ARG B 227 -8.19 4.48 9.24
C ARG B 227 -7.72 3.09 8.79
N SER B 228 -8.65 2.15 8.57
CA SER B 228 -8.28 0.79 8.21
C SER B 228 -7.62 0.77 6.83
N ALA B 229 -8.17 1.56 5.91
CA ALA B 229 -7.80 1.46 4.52
C ALA B 229 -6.64 2.37 4.17
N GLY B 230 -6.34 3.33 5.04
CA GLY B 230 -5.38 4.37 4.72
C GLY B 230 -5.78 5.21 3.51
N LEU B 231 -7.05 5.61 3.43
CA LEU B 231 -7.57 6.39 2.29
C LEU B 231 -8.38 7.57 2.76
N GLU B 232 -8.51 8.62 1.96
CA GLU B 232 -9.34 9.80 2.28
C GLU B 232 -10.60 9.73 1.47
N ILE B 233 -11.68 9.29 2.08
CA ILE B 233 -12.87 9.00 1.32
C ILE B 233 -13.80 10.20 1.31
N PHE B 234 -14.15 10.62 0.09
CA PHE B 234 -15.04 11.74 -0.14
C PHE B 234 -14.55 13.03 0.55
N ALA B 235 -13.28 13.38 0.33
CA ALA B 235 -12.69 14.58 0.89
C ALA B 235 -13.43 15.87 0.51
N ARG B 236 -13.66 16.08 -0.80
CA ARG B 236 -14.34 17.29 -1.33
C ARG B 236 -15.86 17.33 -1.03
N LEU B 237 -16.26 16.88 0.15
CA LEU B 237 -17.67 16.80 0.50
C LEU B 237 -17.81 17.46 1.85
N ASP B 238 -18.66 18.48 1.90
CA ASP B 238 -18.77 19.26 3.09
C ASP B 238 -19.76 18.54 4.02
N PRO B 239 -19.37 18.32 5.27
CA PRO B 239 -20.28 17.63 6.18
C PRO B 239 -21.62 18.34 6.44
N LYS B 240 -21.68 19.65 6.27
CA LYS B 240 -22.98 20.34 6.33
C LYS B 240 -23.97 19.68 5.37
N SER B 241 -23.49 19.25 4.19
CA SER B 241 -24.31 18.63 3.14
C SER B 241 -24.80 17.22 3.44
N ILE B 242 -24.29 16.60 4.50
CA ILE B 242 -24.72 15.27 4.85
C ILE B 242 -25.95 15.32 5.77
N VAL B 243 -27.04 14.69 5.34
CA VAL B 243 -28.31 14.68 6.09
C VAL B 243 -28.59 13.33 6.68
N LYS B 244 -27.83 12.33 6.27
CA LYS B 244 -27.98 11.03 6.89
C LYS B 244 -26.68 10.25 6.80
N GLU B 245 -26.40 9.53 7.89
CA GLU B 245 -25.17 8.79 8.09
C GLU B 245 -25.58 7.41 8.61
N ASN B 246 -25.47 6.38 7.78
CA ASN B 246 -25.76 4.99 8.18
C ASN B 246 -27.16 4.93 8.81
N GLY B 247 -28.10 5.67 8.20
CA GLY B 247 -29.50 5.64 8.59
C GLY B 247 -29.96 6.64 9.63
N ALA B 248 -29.03 7.42 10.18
CA ALA B 248 -29.38 8.37 11.25
C ALA B 248 -29.33 9.84 10.83
N LYS B 249 -30.40 10.55 11.18
CA LYS B 249 -30.44 12.01 11.42
C LYS B 249 -31.22 12.68 10.29
MG MG E . 18.49 1.92 13.07
MG MG F . -18.79 -9.92 -7.22
#